data_4FUU
#
_entry.id   4FUU
#
_cell.length_a   40.236
_cell.length_b   41.582
_cell.length_c   48.528
_cell.angle_alpha   65.470
_cell.angle_beta   80.430
_cell.angle_gamma   78.680
#
_symmetry.space_group_name_H-M   'P 1'
#
loop_
_entity.id
_entity.type
_entity.pdbx_description
1 polymer 'Leucine aminopeptidase'
2 non-polymer 'UNKNOWN LIGAND'
3 non-polymer 'PHOSPHATE ION'
4 non-polymer 'ZINC ION'
5 non-polymer 1,2-ETHANEDIOL
6 water water
#
_entity_poly.entity_id   1
_entity_poly.type   'polypeptide(L)'
_entity_poly.pdbx_seq_one_letter_code
;GGGKATGTNEQSEKVVVNVPQFDADSAYLYVKNQVDFGPRVPNTKEHVACGNYLAGKLEAFGAKVTNQYADLIAYDGTLL
KARNIIGSYKPESKKRIALFAHWDTRPWADNDADEKNHHTPILGANDGASGVGALLEIARLVNQQQPELGIDIIFLDAED
YGTPQFYEGKHKEEAWCLGSQYWSRNPHVQGYNARFGILLD(MSE)VGGENSVFLKEGYSEEFAPDINKKVWKAAKKAGY
GKTFIDERGDTITDDHLFINRLARIKTIDIIPNDPETGFPPTWHTIHDN(MSE)DHIDKNTLKAVGQTVLEVIYNEK
;
_entity_poly.pdbx_strand_id   A
#
# COMPACT_ATOMS: atom_id res chain seq x y z
N VAL A 16 24.60 -16.65 -0.34
CA VAL A 16 23.49 -15.80 0.12
C VAL A 16 23.10 -14.82 -0.98
N VAL A 17 21.80 -14.70 -1.24
CA VAL A 17 21.32 -13.74 -2.24
CA VAL A 17 21.32 -13.73 -2.23
C VAL A 17 21.70 -12.32 -1.78
N ASN A 18 22.06 -11.47 -2.73
CA ASN A 18 22.32 -10.06 -2.45
C ASN A 18 20.97 -9.39 -2.30
N VAL A 19 20.74 -8.78 -1.15
CA VAL A 19 19.54 -7.95 -0.96
C VAL A 19 19.91 -6.49 -1.22
N PRO A 20 19.24 -5.85 -2.19
CA PRO A 20 19.55 -4.46 -2.45
C PRO A 20 19.23 -3.56 -1.26
N GLN A 21 19.83 -2.38 -1.28
CA GLN A 21 19.64 -1.37 -0.27
C GLN A 21 18.55 -0.40 -0.69
N PHE A 22 17.49 -0.36 0.11
CA PHE A 22 16.40 0.59 -0.08
C PHE A 22 16.92 2.01 0.10
N ASP A 23 16.71 2.85 -0.90
CA ASP A 23 17.17 4.24 -0.85
C ASP A 23 16.03 5.11 -0.34
N ALA A 24 16.09 5.50 0.91
CA ALA A 24 14.99 6.19 1.54
C ALA A 24 14.83 7.60 0.98
N ASP A 25 15.93 8.22 0.54
CA ASP A 25 15.86 9.53 -0.11
C ASP A 25 15.01 9.47 -1.38
N SER A 26 15.21 8.42 -2.18
CA SER A 26 14.42 8.25 -3.40
CA SER A 26 14.43 8.21 -3.39
C SER A 26 12.96 7.96 -3.05
N ALA A 27 12.72 7.06 -2.08
CA ALA A 27 11.33 6.80 -1.67
C ALA A 27 10.63 8.05 -1.20
N TYR A 28 11.34 8.86 -0.43
CA TYR A 28 10.79 10.10 0.10
C TYR A 28 10.39 11.03 -1.05
N LEU A 29 11.25 11.12 -2.09
CA LEU A 29 10.98 11.88 -3.31
CA LEU A 29 10.89 11.97 -3.20
C LEU A 29 9.66 11.43 -3.94
N TYR A 30 9.49 10.11 -4.03
CA TYR A 30 8.30 9.59 -4.68
C TYR A 30 7.02 9.87 -3.88
N VAL A 31 7.12 9.89 -2.54
CA VAL A 31 6.04 10.36 -1.67
C VAL A 31 5.72 11.82 -1.96
N LYS A 32 6.75 12.66 -1.92
CA LYS A 32 6.57 14.06 -2.17
C LYS A 32 5.95 14.34 -3.53
N ASN A 33 6.39 13.62 -4.55
CA ASN A 33 5.88 13.84 -5.90
C ASN A 33 4.36 13.63 -5.96
N GLN A 34 3.85 12.62 -5.25
CA GLN A 34 2.43 12.41 -5.25
C GLN A 34 1.71 13.54 -4.52
N VAL A 35 2.23 13.91 -3.36
CA VAL A 35 1.62 14.96 -2.55
C VAL A 35 1.62 16.30 -3.30
N ASP A 36 2.61 16.51 -4.14
CA ASP A 36 2.72 17.75 -4.92
C ASP A 36 1.60 17.91 -5.97
N PHE A 37 0.85 16.85 -6.29
CA PHE A 37 -0.32 16.97 -7.16
C PHE A 37 -1.49 17.65 -6.43
N GLY A 38 -1.42 17.68 -5.11
CA GLY A 38 -2.55 18.02 -4.27
C GLY A 38 -3.25 16.73 -3.82
N PRO A 39 -4.40 16.86 -3.16
CA PRO A 39 -5.19 15.66 -2.80
C PRO A 39 -5.51 14.82 -4.03
N ARG A 40 -5.41 13.52 -3.87
CA ARG A 40 -5.78 12.56 -4.91
C ARG A 40 -7.17 11.99 -4.65
N VAL A 41 -8.17 12.87 -4.70
CA VAL A 41 -9.56 12.46 -4.49
C VAL A 41 -10.10 11.90 -5.80
N PRO A 42 -10.72 10.71 -5.77
CA PRO A 42 -11.37 10.19 -6.98
C PRO A 42 -12.29 11.25 -7.63
N ASN A 43 -12.31 11.24 -8.96
CA ASN A 43 -13.10 12.12 -9.83
C ASN A 43 -12.57 13.52 -9.89
N THR A 44 -11.31 13.71 -9.54
CA THR A 44 -10.66 15.00 -9.68
C THR A 44 -9.49 14.95 -10.64
N LYS A 45 -9.15 16.11 -11.20
CA LYS A 45 -8.02 16.22 -12.11
C LYS A 45 -6.69 15.88 -11.48
N GLU A 46 -6.56 16.15 -10.20
CA GLU A 46 -5.31 15.85 -9.48
CA GLU A 46 -5.32 15.86 -9.47
C GLU A 46 -5.14 14.32 -9.37
N HIS A 47 -6.21 13.61 -9.08
CA HIS A 47 -6.21 12.16 -9.08
C HIS A 47 -5.80 11.64 -10.47
N VAL A 48 -6.41 12.18 -11.53
CA VAL A 48 -6.06 11.72 -12.87
C VAL A 48 -4.57 11.90 -13.12
N ALA A 49 -4.06 13.09 -12.79
CA ALA A 49 -2.66 13.39 -13.06
C ALA A 49 -1.71 12.49 -12.28
N CYS A 50 -2.03 12.25 -11.03
CA CYS A 50 -1.14 11.41 -10.22
C CYS A 50 -1.18 9.97 -10.72
N GLY A 51 -2.35 9.47 -11.14
CA GLY A 51 -2.41 8.11 -11.72
C GLY A 51 -1.49 7.99 -12.92
N ASN A 52 -1.50 8.99 -13.78
CA ASN A 52 -0.61 8.99 -14.92
C ASN A 52 0.86 8.97 -14.49
N TYR A 53 1.20 9.73 -13.46
CA TYR A 53 2.56 9.73 -12.93
C TYR A 53 2.94 8.35 -12.44
N LEU A 54 2.05 7.69 -11.71
CA LEU A 54 2.39 6.42 -11.11
C LEU A 54 2.57 5.34 -12.17
N ALA A 55 1.66 5.28 -13.11
CA ALA A 55 1.76 4.30 -14.20
C ALA A 55 3.02 4.55 -15.03
N GLY A 56 3.31 5.83 -15.25
CA GLY A 56 4.51 6.21 -15.98
C GLY A 56 5.79 5.80 -15.29
N LYS A 57 5.84 5.96 -13.96
CA LYS A 57 7.02 5.60 -13.20
CA LYS A 57 7.03 5.61 -13.22
C LYS A 57 7.22 4.10 -13.24
N LEU A 58 6.14 3.33 -13.02
CA LEU A 58 6.28 1.88 -13.09
C LEU A 58 6.83 1.46 -14.47
N GLU A 59 6.30 2.06 -15.53
CA GLU A 59 6.74 1.69 -16.89
C GLU A 59 8.23 2.06 -17.07
N ALA A 60 8.63 3.25 -16.60
CA ALA A 60 10.06 3.66 -16.69
C ALA A 60 10.94 2.68 -15.92
N PHE A 61 10.39 2.11 -14.84
CA PHE A 61 11.13 1.15 -14.01
C PHE A 61 10.94 -0.29 -14.45
N GLY A 62 10.61 -0.49 -15.72
CA GLY A 62 10.66 -1.83 -16.33
C GLY A 62 9.48 -2.74 -16.06
N ALA A 63 8.45 -2.25 -15.37
CA ALA A 63 7.27 -3.06 -15.10
C ALA A 63 6.40 -3.18 -16.34
N LYS A 64 5.76 -4.33 -16.48
CA LYS A 64 4.67 -4.48 -17.44
C LYS A 64 3.43 -3.93 -16.76
N VAL A 65 2.92 -2.83 -17.27
CA VAL A 65 1.83 -2.09 -16.62
C VAL A 65 0.48 -2.50 -17.19
N THR A 66 -0.42 -2.86 -16.26
CA THR A 66 -1.82 -3.07 -16.60
C THR A 66 -2.64 -2.07 -15.83
N ASN A 67 -3.55 -1.38 -16.51
CA ASN A 67 -4.50 -0.49 -15.89
C ASN A 67 -5.84 -1.16 -15.77
N GLN A 68 -6.48 -0.99 -14.64
CA GLN A 68 -7.80 -1.48 -14.45
CA GLN A 68 -7.86 -1.45 -14.43
C GLN A 68 -8.73 -0.28 -14.13
N TYR A 69 -9.44 0.19 -15.14
CA TYR A 69 -10.38 1.27 -14.97
C TYR A 69 -11.75 0.63 -14.65
N ALA A 70 -12.39 1.17 -13.62
CA ALA A 70 -13.68 0.63 -13.17
C ALA A 70 -14.56 1.75 -12.64
N ASP A 71 -15.88 1.62 -12.87
CA ASP A 71 -16.91 2.54 -12.34
C ASP A 71 -17.39 1.98 -11.02
N LEU A 72 -16.80 2.46 -9.94
CA LEU A 72 -17.09 1.95 -8.61
C LEU A 72 -18.08 2.86 -7.90
N ILE A 73 -19.04 2.28 -7.22
CA ILE A 73 -20.09 3.04 -6.57
C ILE A 73 -19.82 3.21 -5.09
N ALA A 74 -19.73 4.47 -4.68
CA ALA A 74 -19.42 4.85 -3.32
C ALA A 74 -20.65 4.71 -2.41
N TYR A 75 -20.42 4.96 -1.13
CA TYR A 75 -21.42 4.76 -0.08
C TYR A 75 -22.69 5.56 -0.35
N ASP A 76 -22.52 6.71 -1.00
CA ASP A 76 -23.62 7.64 -1.26
C ASP A 76 -24.14 7.55 -2.69
N GLY A 77 -23.76 6.50 -3.42
CA GLY A 77 -24.24 6.34 -4.79
C GLY A 77 -23.35 6.95 -5.85
N THR A 78 -22.34 7.72 -5.45
CA THR A 78 -21.48 8.41 -6.40
C THR A 78 -20.66 7.41 -7.20
N LEU A 79 -20.65 7.58 -8.51
CA LEU A 79 -19.79 6.78 -9.38
C LEU A 79 -18.38 7.34 -9.34
N LEU A 80 -17.42 6.48 -8.96
CA LEU A 80 -16.02 6.87 -8.88
C LEU A 80 -15.34 6.28 -10.13
N LYS A 81 -14.69 7.14 -10.89
CA LYS A 81 -13.87 6.72 -12.03
C LYS A 81 -12.52 6.26 -11.51
N ALA A 82 -12.47 5.00 -11.13
CA ALA A 82 -11.33 4.41 -10.45
C ALA A 82 -10.32 3.85 -11.43
N ARG A 83 -9.09 3.79 -10.97
CA ARG A 83 -7.99 3.21 -11.75
C ARG A 83 -7.05 2.47 -10.81
N ASN A 84 -7.08 1.14 -10.83
CA ASN A 84 -6.04 0.36 -10.20
C ASN A 84 -4.89 0.23 -11.18
N ILE A 85 -3.66 0.29 -10.68
CA ILE A 85 -2.46 0.28 -11.53
C ILE A 85 -1.58 -0.88 -11.08
N ILE A 86 -1.29 -1.80 -11.99
CA ILE A 86 -0.49 -2.97 -11.68
C ILE A 86 0.78 -2.96 -12.51
N GLY A 87 1.93 -3.11 -11.86
CA GLY A 87 3.19 -3.25 -12.57
C GLY A 87 3.79 -4.58 -12.24
N SER A 88 4.04 -5.41 -13.26
CA SER A 88 4.46 -6.80 -13.09
CA SER A 88 4.46 -6.79 -13.07
CA SER A 88 4.50 -6.77 -13.03
C SER A 88 5.89 -7.00 -13.58
N TYR A 89 6.66 -7.77 -12.80
CA TYR A 89 8.02 -8.18 -13.10
C TYR A 89 8.05 -9.69 -13.24
N LYS A 90 8.86 -10.16 -14.19
CA LYS A 90 8.89 -11.57 -14.56
C LYS A 90 7.46 -12.10 -14.74
N PRO A 91 6.66 -11.45 -15.62
CA PRO A 91 5.24 -11.76 -15.68
C PRO A 91 4.90 -13.20 -16.01
N GLU A 92 5.78 -13.91 -16.68
CA GLU A 92 5.50 -15.30 -17.03
C GLU A 92 5.61 -16.27 -15.85
N SER A 93 6.29 -15.84 -14.78
CA SER A 93 6.47 -16.72 -13.64
C SER A 93 5.17 -16.97 -12.92
N LYS A 94 4.96 -18.23 -12.55
CA LYS A 94 3.75 -18.61 -11.81
C LYS A 94 3.97 -18.54 -10.29
N LYS A 95 5.20 -18.30 -9.85
CA LYS A 95 5.55 -18.15 -8.45
C LYS A 95 5.74 -16.64 -8.23
N ARG A 96 4.81 -16.02 -7.50
CA ARG A 96 4.71 -14.57 -7.44
C ARG A 96 4.47 -14.08 -6.01
N ILE A 97 4.88 -12.84 -5.76
CA ILE A 97 4.55 -12.09 -4.55
C ILE A 97 3.85 -10.82 -5.00
N ALA A 98 2.72 -10.51 -4.35
CA ALA A 98 1.98 -9.27 -4.62
C ALA A 98 2.26 -8.24 -3.51
N LEU A 99 2.57 -7.00 -3.89
CA LEU A 99 2.83 -5.88 -3.01
C LEU A 99 1.80 -4.81 -3.33
N PHE A 100 1.05 -4.38 -2.31
CA PHE A 100 -0.10 -3.52 -2.49
C PHE A 100 0.09 -2.20 -1.71
N ALA A 101 -0.54 -1.14 -2.23
CA ALA A 101 -0.68 0.13 -1.50
C ALA A 101 -1.84 0.87 -2.15
N HIS A 102 -2.66 1.53 -1.34
CA HIS A 102 -3.69 2.38 -1.93
C HIS A 102 -3.12 3.76 -2.26
N TRP A 103 -3.60 4.36 -3.35
CA TRP A 103 -3.02 5.62 -3.82
C TRP A 103 -3.95 6.81 -3.79
N ASP A 104 -5.24 6.57 -3.62
CA ASP A 104 -6.18 7.66 -3.43
C ASP A 104 -6.07 8.26 -2.05
N THR A 105 -6.62 9.46 -1.88
CA THR A 105 -6.64 10.10 -0.57
C THR A 105 -8.05 10.46 -0.16
N ARG A 106 -8.25 10.59 1.14
CA ARG A 106 -9.58 10.76 1.70
C ARG A 106 -10.13 12.17 1.44
N PRO A 107 -11.38 12.27 0.98
CA PRO A 107 -11.90 13.61 0.65
C PRO A 107 -12.30 14.47 1.85
N TRP A 108 -12.27 13.92 3.05
CA TRP A 108 -12.73 14.58 4.26
C TRP A 108 -11.75 14.35 5.38
N ALA A 109 -11.31 15.43 6.03
CA ALA A 109 -10.49 15.31 7.23
C ALA A 109 -11.43 15.10 8.41
N ASP A 110 -12.10 13.95 8.40
CA ASP A 110 -13.22 13.73 9.30
C ASP A 110 -12.86 13.29 10.72
N ASN A 111 -11.55 13.15 10.98
CA ASN A 111 -11.09 12.97 12.35
C ASN A 111 -10.33 14.20 12.86
N ASP A 112 -10.42 15.31 12.14
CA ASP A 112 -9.71 16.53 12.56
C ASP A 112 -10.20 17.03 13.93
N ALA A 113 -9.28 17.62 14.67
CA ALA A 113 -9.61 18.25 15.96
C ALA A 113 -10.62 19.38 15.78
N ASP A 114 -10.51 20.14 14.68
CA ASP A 114 -11.43 21.24 14.39
C ASP A 114 -12.57 20.77 13.47
N GLU A 115 -13.81 20.84 13.98
CA GLU A 115 -15.02 20.48 13.21
C GLU A 115 -15.08 21.21 11.86
N LYS A 116 -14.53 22.42 11.82
CA LYS A 116 -14.50 23.25 10.60
C LYS A 116 -13.80 22.52 9.44
N ASN A 117 -12.89 21.60 9.79
CA ASN A 117 -12.05 20.90 8.79
C ASN A 117 -12.63 19.56 8.33
N HIS A 118 -13.77 19.15 8.90
CA HIS A 118 -14.27 17.79 8.69
C HIS A 118 -14.69 17.47 7.26
N HIS A 119 -14.89 18.50 6.42
CA HIS A 119 -15.26 18.31 5.01
C HIS A 119 -14.11 18.68 4.04
N THR A 120 -12.90 18.81 4.56
CA THR A 120 -11.76 19.27 3.77
C THR A 120 -10.90 18.05 3.34
N PRO A 121 -10.55 17.94 2.04
CA PRO A 121 -9.65 16.85 1.62
C PRO A 121 -8.26 16.92 2.22
N ILE A 122 -7.70 15.75 2.55
CA ILE A 122 -6.37 15.67 3.14
C ILE A 122 -5.28 15.49 2.07
N LEU A 123 -4.03 15.88 2.38
CA LEU A 123 -2.94 15.64 1.42
C LEU A 123 -2.55 14.15 1.38
N GLY A 124 -2.80 13.43 2.47
CA GLY A 124 -2.52 12.00 2.45
C GLY A 124 -1.08 11.66 2.16
N ALA A 125 -0.16 12.35 2.81
CA ALA A 125 1.24 12.03 2.68
C ALA A 125 1.56 10.66 3.24
N ASN A 126 1.08 10.41 4.44
CA ASN A 126 1.24 9.10 5.05
C ASN A 126 0.17 8.12 4.60
N ASP A 127 -1.10 8.55 4.64
CA ASP A 127 -2.22 7.72 4.26
C ASP A 127 -2.49 7.88 2.76
N GLY A 128 -1.76 7.10 2.01
CA GLY A 128 -1.79 7.12 0.56
C GLY A 128 -0.39 7.16 -0.03
N ALA A 129 0.26 8.30 0.04
CA ALA A 129 1.51 8.44 -0.67
C ALA A 129 2.64 7.54 -0.14
N SER A 130 2.70 7.28 1.16
CA SER A 130 3.85 6.61 1.75
C SER A 130 4.05 5.19 1.18
N GLY A 131 2.99 4.39 1.18
CA GLY A 131 3.08 3.02 0.72
C GLY A 131 3.44 2.95 -0.75
N VAL A 132 2.81 3.85 -1.51
CA VAL A 132 3.06 3.94 -2.93
C VAL A 132 4.52 4.32 -3.20
N GLY A 133 5.02 5.32 -2.48
CA GLY A 133 6.39 5.76 -2.67
C GLY A 133 7.41 4.70 -2.30
N ALA A 134 7.15 3.96 -1.22
CA ALA A 134 8.01 2.85 -0.85
C ALA A 134 8.01 1.78 -1.94
N LEU A 135 6.84 1.49 -2.51
CA LEU A 135 6.77 0.47 -3.54
C LEU A 135 7.40 0.91 -4.86
N LEU A 136 7.37 2.21 -5.17
CA LEU A 136 8.07 2.69 -6.36
C LEU A 136 9.58 2.49 -6.19
N GLU A 137 10.12 2.71 -5.00
CA GLU A 137 11.54 2.47 -4.77
C GLU A 137 11.84 0.98 -4.85
N ILE A 138 10.95 0.14 -4.31
CA ILE A 138 11.07 -1.31 -4.46
CA ILE A 138 11.15 -1.29 -4.46
C ILE A 138 11.11 -1.72 -5.95
N ALA A 139 10.19 -1.14 -6.74
CA ALA A 139 10.11 -1.45 -8.18
C ALA A 139 11.44 -1.14 -8.87
N ARG A 140 11.99 0.01 -8.55
CA ARG A 140 13.29 0.45 -9.10
C ARG A 140 14.38 -0.61 -8.85
N LEU A 141 14.41 -1.10 -7.61
CA LEU A 141 15.42 -2.08 -7.21
C LEU A 141 15.18 -3.46 -7.84
N VAL A 142 13.92 -3.89 -7.93
CA VAL A 142 13.55 -5.16 -8.55
C VAL A 142 13.96 -5.16 -10.03
N ASN A 143 13.76 -4.04 -10.69
CA ASN A 143 14.15 -3.91 -12.08
C ASN A 143 15.65 -4.11 -12.24
N GLN A 144 16.42 -3.53 -11.32
CA GLN A 144 17.87 -3.60 -11.37
C GLN A 144 18.46 -4.95 -11.01
N GLN A 145 17.77 -5.69 -10.17
CA GLN A 145 18.17 -7.03 -9.77
C GLN A 145 16.92 -7.83 -9.46
N GLN A 146 16.53 -8.73 -10.34
CA GLN A 146 15.26 -9.44 -10.21
CA GLN A 146 15.26 -9.44 -10.19
C GLN A 146 15.33 -10.48 -9.09
N PRO A 147 14.35 -10.46 -8.16
CA PRO A 147 14.28 -11.59 -7.25
C PRO A 147 13.93 -12.88 -8.01
N GLU A 148 14.05 -14.02 -7.35
CA GLU A 148 13.65 -15.28 -7.96
C GLU A 148 12.19 -15.28 -8.32
N LEU A 149 11.33 -14.86 -7.40
CA LEU A 149 9.89 -14.84 -7.68
C LEU A 149 9.49 -13.64 -8.54
N GLY A 150 8.42 -13.81 -9.29
CA GLY A 150 7.79 -12.68 -9.97
C GLY A 150 7.20 -11.74 -8.92
N ILE A 151 7.23 -10.44 -9.18
CA ILE A 151 6.75 -9.41 -8.26
C ILE A 151 5.70 -8.59 -8.96
N ASP A 152 4.57 -8.40 -8.29
CA ASP A 152 3.54 -7.48 -8.77
C ASP A 152 3.40 -6.32 -7.82
N ILE A 153 3.47 -5.11 -8.33
CA ILE A 153 3.28 -3.89 -7.57
C ILE A 153 1.90 -3.41 -7.94
N ILE A 154 1.01 -3.30 -6.96
CA ILE A 154 -0.41 -3.05 -7.19
C ILE A 154 -0.86 -1.84 -6.41
N PHE A 155 -1.17 -0.78 -7.13
CA PHE A 155 -1.65 0.45 -6.54
C PHE A 155 -3.16 0.45 -6.67
N LEU A 156 -3.82 0.43 -5.51
CA LEU A 156 -5.24 0.26 -5.40
C LEU A 156 -5.94 1.60 -5.22
N ASP A 157 -6.97 1.83 -6.00
CA ASP A 157 -7.73 3.07 -5.92
C ASP A 157 -8.91 2.95 -4.96
N ALA A 158 -9.49 4.09 -4.63
CA ALA A 158 -10.76 4.17 -3.94
C ALA A 158 -10.81 3.34 -2.66
N GLU A 159 -9.71 3.33 -1.92
CA GLU A 159 -9.71 2.71 -0.59
C GLU A 159 -10.36 3.59 0.46
N ASP A 160 -10.20 4.93 0.30
CA ASP A 160 -10.42 5.89 1.38
C ASP A 160 -11.61 6.80 1.20
N TYR A 161 -12.62 6.32 0.46
CA TYR A 161 -13.86 7.05 0.20
C TYR A 161 -15.02 6.45 1.06
N GLY A 162 -14.69 5.75 2.12
CA GLY A 162 -15.70 5.12 2.96
C GLY A 162 -16.46 6.18 3.74
N THR A 163 -17.61 5.76 4.27
CA THR A 163 -18.58 6.66 4.87
C THR A 163 -17.92 7.65 5.85
N PRO A 164 -18.16 8.95 5.67
CA PRO A 164 -17.65 9.91 6.65
C PRO A 164 -18.21 9.73 8.07
N GLN A 165 -17.41 10.11 9.06
CA GLN A 165 -17.81 10.02 10.46
C GLN A 165 -19.07 10.88 10.71
N PHE A 166 -19.20 11.97 9.96
CA PHE A 166 -20.32 12.90 10.13
C PHE A 166 -21.61 12.46 9.44
N TYR A 167 -21.57 11.33 8.73
CA TYR A 167 -22.74 10.83 8.04
C TYR A 167 -23.67 10.18 9.04
N GLU A 168 -24.93 10.61 9.01
CA GLU A 168 -25.97 10.01 9.86
C GLU A 168 -26.67 8.94 9.02
N GLY A 169 -26.43 7.68 9.38
CA GLY A 169 -26.90 6.55 8.57
C GLY A 169 -25.97 5.38 8.73
N LYS A 170 -26.20 4.32 7.97
CA LYS A 170 -25.39 3.09 8.05
C LYS A 170 -23.93 3.38 7.65
N HIS A 171 -22.98 2.76 8.36
CA HIS A 171 -21.57 2.82 7.98
C HIS A 171 -21.10 1.42 7.59
N LYS A 172 -21.35 1.03 6.33
CA LYS A 172 -21.03 -0.32 5.87
C LYS A 172 -19.51 -0.50 5.65
N GLU A 173 -18.97 -1.59 6.20
CA GLU A 173 -17.57 -2.02 5.98
C GLU A 173 -17.14 -1.96 4.50
N GLU A 174 -18.02 -2.45 3.62
CA GLU A 174 -17.72 -2.61 2.20
C GLU A 174 -17.73 -1.29 1.43
N ALA A 175 -18.03 -0.17 2.10
CA ALA A 175 -17.91 1.18 1.50
C ALA A 175 -16.43 1.59 1.30
N TRP A 176 -15.58 0.97 2.09
CA TRP A 176 -14.12 1.16 2.03
C TRP A 176 -13.55 0.21 1.00
N CYS A 177 -12.33 0.48 0.59
CA CYS A 177 -11.55 -0.54 -0.09
C CYS A 177 -12.23 -0.98 -1.39
N LEU A 178 -12.74 -0.01 -2.14
CA LEU A 178 -13.51 -0.37 -3.34
C LEU A 178 -12.65 -0.92 -4.47
N GLY A 179 -11.46 -0.37 -4.61
CA GLY A 179 -10.53 -0.83 -5.60
C GLY A 179 -10.02 -2.24 -5.34
N SER A 180 -9.71 -2.54 -4.08
CA SER A 180 -9.28 -3.88 -3.74
C SER A 180 -10.38 -4.91 -3.88
N GLN A 181 -11.61 -4.55 -3.54
CA GLN A 181 -12.73 -5.46 -3.80
C GLN A 181 -12.84 -5.76 -5.27
N TYR A 182 -12.73 -4.73 -6.09
CA TYR A 182 -12.81 -4.92 -7.54
C TYR A 182 -11.69 -5.80 -8.05
N TRP A 183 -10.45 -5.49 -7.68
CA TRP A 183 -9.31 -6.29 -8.13
C TRP A 183 -9.39 -7.74 -7.68
N SER A 184 -9.86 -7.93 -6.47
CA SER A 184 -9.95 -9.27 -5.89
C SER A 184 -10.96 -10.14 -6.62
N ARG A 185 -12.03 -9.53 -7.11
CA ARG A 185 -13.04 -10.22 -7.89
C ARG A 185 -12.70 -10.29 -9.38
N ASN A 186 -11.80 -9.42 -9.84
CA ASN A 186 -11.47 -9.25 -11.24
C ASN A 186 -9.96 -9.10 -11.38
N PRO A 187 -9.22 -10.21 -11.28
CA PRO A 187 -7.78 -10.11 -11.40
C PRO A 187 -7.34 -9.47 -12.73
N HIS A 188 -6.17 -8.82 -12.70
CA HIS A 188 -5.67 -8.11 -13.87
C HIS A 188 -5.23 -9.06 -14.99
N VAL A 189 -5.03 -10.34 -14.65
CA VAL A 189 -4.77 -11.39 -15.61
C VAL A 189 -5.53 -12.65 -15.21
N GLN A 190 -6.11 -13.33 -16.20
CA GLN A 190 -6.86 -14.53 -15.93
C GLN A 190 -6.00 -15.59 -15.21
N GLY A 191 -6.52 -16.16 -14.14
CA GLY A 191 -5.81 -17.21 -13.41
C GLY A 191 -4.67 -16.70 -12.53
N TYR A 192 -4.69 -15.40 -12.22
CA TYR A 192 -3.66 -14.81 -11.36
C TYR A 192 -3.59 -15.56 -10.02
N ASN A 193 -2.35 -15.82 -9.57
CA ASN A 193 -2.14 -16.20 -8.19
CA ASN A 193 -2.04 -16.39 -8.28
C ASN A 193 -0.81 -15.68 -7.71
N ALA A 194 -0.74 -15.52 -6.39
CA ALA A 194 0.47 -15.15 -5.71
C ALA A 194 0.60 -16.05 -4.47
N ARG A 195 1.84 -16.30 -4.09
CA ARG A 195 2.15 -17.10 -2.92
C ARG A 195 1.66 -16.39 -1.66
N PHE A 196 1.88 -15.08 -1.63
CA PHE A 196 1.39 -14.22 -0.57
C PHE A 196 1.45 -12.78 -1.03
N GLY A 197 0.84 -11.93 -0.22
CA GLY A 197 0.84 -10.50 -0.42
C GLY A 197 1.27 -9.72 0.79
N ILE A 198 1.75 -8.52 0.53
CA ILE A 198 2.04 -7.55 1.57
C ILE A 198 1.41 -6.20 1.18
N LEU A 199 0.55 -5.68 2.07
CA LEU A 199 -0.03 -4.39 1.93
C LEU A 199 0.73 -3.42 2.84
N LEU A 200 1.12 -2.27 2.29
CA LEU A 200 1.72 -1.18 3.05
C LEU A 200 0.73 -0.04 3.20
N ASP A 201 0.39 0.29 4.42
CA ASP A 201 -0.52 1.41 4.69
C ASP A 201 0.04 2.30 5.82
N VAL A 203 3.18 4.04 6.09
CA VAL A 203 4.49 3.51 6.38
C VAL A 203 5.58 4.57 6.33
N GLY A 204 5.19 5.84 6.45
CA GLY A 204 6.13 6.95 6.44
C GLY A 204 6.14 7.85 7.62
N GLY A 205 5.31 7.59 8.61
CA GLY A 205 5.16 8.57 9.70
C GLY A 205 6.31 8.56 10.69
N GLU A 206 6.69 9.75 11.16
CA GLU A 206 7.72 9.89 12.19
C GLU A 206 7.33 9.02 13.41
N ASN A 207 8.30 8.25 13.89
CA ASN A 207 8.23 7.45 15.12
C ASN A 207 7.29 6.25 15.10
N SER A 208 6.76 5.91 13.94
CA SER A 208 5.83 4.80 13.89
C SER A 208 6.47 3.47 14.23
N VAL A 209 5.67 2.65 14.91
CA VAL A 209 5.97 1.24 15.10
C VAL A 209 4.81 0.41 14.56
N PHE A 210 5.11 -0.84 14.25
CA PHE A 210 4.22 -1.71 13.54
C PHE A 210 4.10 -3.03 14.31
N LEU A 211 2.89 -3.36 14.74
CA LEU A 211 2.61 -4.63 15.39
C LEU A 211 1.92 -5.53 14.38
N LYS A 212 1.77 -6.79 14.74
CA LYS A 212 1.11 -7.78 13.89
C LYS A 212 -0.38 -7.52 13.90
N GLU A 213 -0.94 -7.21 12.74
CA GLU A 213 -2.33 -6.79 12.62
C GLU A 213 -3.25 -8.01 12.65
N GLY A 214 -4.47 -7.81 13.12
CA GLY A 214 -5.35 -8.93 13.43
C GLY A 214 -5.81 -9.80 12.28
N TYR A 215 -6.34 -9.20 11.21
CA TYR A 215 -6.73 -10.04 10.08
C TYR A 215 -5.52 -10.74 9.47
N SER A 216 -4.37 -10.08 9.50
CA SER A 216 -3.13 -10.64 9.02
C SER A 216 -2.76 -11.92 9.80
N GLU A 217 -2.97 -11.83 11.13
CA GLU A 217 -2.75 -12.98 12.00
C GLU A 217 -3.76 -14.11 11.73
N GLU A 218 -5.00 -13.73 11.43
CA GLU A 218 -6.04 -14.71 11.16
C GLU A 218 -5.78 -15.47 9.86
N PHE A 219 -5.48 -14.74 8.80
CA PHE A 219 -5.41 -15.30 7.46
C PHE A 219 -4.01 -15.73 6.99
N ALA A 220 -2.99 -15.07 7.52
CA ALA A 220 -1.63 -15.21 7.03
C ALA A 220 -0.58 -15.16 8.14
N PRO A 221 -0.78 -15.97 9.21
CA PRO A 221 0.15 -15.86 10.35
C PRO A 221 1.59 -16.22 9.99
N ASP A 222 1.79 -17.13 9.05
CA ASP A 222 3.14 -17.51 8.66
C ASP A 222 3.81 -16.37 7.89
N ILE A 223 3.02 -15.55 7.21
CA ILE A 223 3.60 -14.41 6.50
C ILE A 223 3.99 -13.30 7.48
N ASN A 224 3.15 -13.08 8.49
CA ASN A 224 3.54 -12.15 9.55
C ASN A 224 4.83 -12.63 10.21
N LYS A 225 4.94 -13.92 10.49
CA LYS A 225 6.15 -14.44 11.13
CA LYS A 225 6.17 -14.43 11.12
C LYS A 225 7.38 -14.16 10.24
N LYS A 226 7.24 -14.44 8.96
CA LYS A 226 8.31 -14.24 7.99
C LYS A 226 8.76 -12.78 7.94
N VAL A 227 7.79 -11.86 7.89
CA VAL A 227 8.10 -10.44 7.81
C VAL A 227 8.74 -9.91 9.08
N TRP A 228 8.22 -10.29 10.24
CA TRP A 228 8.77 -9.76 11.49
C TRP A 228 10.17 -10.33 11.77
N LYS A 229 10.41 -11.57 11.35
CA LYS A 229 11.74 -12.20 11.48
C LYS A 229 12.74 -11.49 10.57
N ALA A 230 12.31 -11.19 9.34
CA ALA A 230 13.16 -10.44 8.41
C ALA A 230 13.51 -9.04 8.96
N ALA A 231 12.51 -8.37 9.55
CA ALA A 231 12.72 -7.04 10.11
C ALA A 231 13.78 -7.09 11.19
N LYS A 232 13.70 -8.08 12.07
CA LYS A 232 14.66 -8.20 13.15
CA LYS A 232 14.68 -8.25 13.16
C LYS A 232 16.09 -8.39 12.58
N LYS A 233 16.23 -9.30 11.62
CA LYS A 233 17.52 -9.62 11.01
CA LYS A 233 17.49 -9.65 10.95
C LYS A 233 18.11 -8.42 10.27
N ALA A 234 17.26 -7.57 9.73
CA ALA A 234 17.67 -6.37 9.00
C ALA A 234 17.96 -5.18 9.91
N GLY A 235 17.73 -5.35 11.20
CA GLY A 235 18.03 -4.31 12.18
C GLY A 235 16.86 -3.43 12.59
N TYR A 236 15.63 -3.86 12.29
CA TYR A 236 14.43 -3.07 12.52
C TYR A 236 13.47 -3.68 13.54
N GLY A 237 14.00 -4.45 14.47
CA GLY A 237 13.20 -5.04 15.52
C GLY A 237 12.54 -4.07 16.49
N LYS A 238 13.06 -2.85 16.59
CA LYS A 238 12.40 -1.81 17.39
C LYS A 238 11.27 -1.11 16.65
N THR A 239 11.22 -1.28 15.34
CA THR A 239 10.15 -0.74 14.53
C THR A 239 9.03 -1.78 14.27
N PHE A 240 9.40 -3.03 14.02
CA PHE A 240 8.51 -4.17 13.85
C PHE A 240 8.48 -4.94 15.16
N ILE A 241 7.48 -4.61 15.99
CA ILE A 241 7.37 -5.16 17.34
CA ILE A 241 7.40 -5.17 17.34
C ILE A 241 6.61 -6.47 17.27
N ASP A 242 7.20 -7.53 17.82
CA ASP A 242 6.64 -8.87 17.72
C ASP A 242 5.56 -9.08 18.81
N GLU A 243 4.42 -8.45 18.58
CA GLU A 243 3.26 -8.47 19.44
C GLU A 243 2.06 -8.28 18.55
N ARG A 244 0.92 -8.82 18.94
CA ARG A 244 -0.33 -8.56 18.24
C ARG A 244 -0.88 -7.18 18.55
N GLY A 245 -1.25 -6.49 17.48
CA GLY A 245 -1.85 -5.17 17.60
C GLY A 245 -3.35 -5.27 17.30
N ASP A 246 -3.90 -4.19 16.75
CA ASP A 246 -5.32 -4.14 16.48
C ASP A 246 -5.69 -4.87 15.20
N THR A 247 -6.97 -5.18 15.11
CA THR A 247 -7.61 -5.70 13.92
C THR A 247 -8.17 -4.49 13.19
N ILE A 248 -7.76 -4.32 11.93
CA ILE A 248 -8.07 -3.12 11.16
C ILE A 248 -8.64 -3.51 9.81
N THR A 249 -9.81 -3.01 9.47
CA THR A 249 -10.35 -3.15 8.12
C THR A 249 -9.45 -2.38 7.15
N ASP A 250 -8.96 -3.07 6.14
CA ASP A 250 -8.10 -2.45 5.15
C ASP A 250 -8.17 -3.33 3.93
N ASP A 251 -7.45 -2.95 2.89
CA ASP A 251 -7.56 -3.65 1.61
C ASP A 251 -7.26 -5.15 1.70
N HIS A 252 -6.36 -5.52 2.61
CA HIS A 252 -5.98 -6.92 2.75
C HIS A 252 -7.11 -7.79 3.25
N LEU A 253 -8.05 -7.21 3.99
CA LEU A 253 -9.22 -8.02 4.39
C LEU A 253 -9.95 -8.59 3.19
N PHE A 254 -10.16 -7.72 2.23
CA PHE A 254 -10.89 -8.07 1.03
C PHE A 254 -10.05 -8.95 0.09
N ILE A 255 -8.75 -8.72 0.02
CA ILE A 255 -7.87 -9.55 -0.76
C ILE A 255 -7.89 -10.97 -0.18
N ASN A 256 -7.77 -11.10 1.13
CA ASN A 256 -7.80 -12.42 1.78
C ASN A 256 -9.14 -13.12 1.56
N ARG A 257 -10.25 -12.40 1.73
CA ARG A 257 -11.59 -12.99 1.66
CA ARG A 257 -11.55 -13.03 1.66
C ARG A 257 -12.00 -13.34 0.24
N LEU A 258 -11.74 -12.44 -0.69
CA LEU A 258 -12.23 -12.54 -2.06
C LEU A 258 -11.21 -13.15 -3.02
N ALA A 259 -9.96 -12.72 -2.98
CA ALA A 259 -8.93 -13.30 -3.84
C ALA A 259 -8.34 -14.57 -3.24
N ARG A 260 -8.45 -14.76 -1.94
CA ARG A 260 -7.85 -15.90 -1.24
C ARG A 260 -6.34 -15.95 -1.44
N ILE A 261 -5.73 -14.78 -1.45
CA ILE A 261 -4.27 -14.64 -1.39
C ILE A 261 -3.92 -14.22 0.02
N LYS A 262 -3.07 -15.01 0.70
CA LYS A 262 -2.66 -14.74 2.09
C LYS A 262 -1.86 -13.46 2.11
N THR A 263 -2.44 -12.43 2.69
CA THR A 263 -1.94 -11.06 2.60
CA THR A 263 -1.90 -11.08 2.59
C THR A 263 -1.92 -10.43 3.98
N ILE A 264 -0.80 -9.84 4.34
CA ILE A 264 -0.69 -9.11 5.57
C ILE A 264 -0.72 -7.60 5.34
N ASP A 265 -0.97 -6.83 6.41
CA ASP A 265 -0.96 -5.38 6.41
C ASP A 265 0.15 -4.92 7.32
N ILE A 266 1.00 -4.03 6.82
CA ILE A 266 2.01 -3.32 7.60
C ILE A 266 1.43 -1.91 7.81
N ILE A 267 0.97 -1.64 9.04
CA ILE A 267 0.18 -0.46 9.37
C ILE A 267 0.48 -0.09 10.83
N PRO A 268 0.66 1.22 11.13
CA PRO A 268 1.15 1.57 12.47
C PRO A 268 0.22 1.30 13.61
N ASN A 269 0.83 1.18 14.78
CA ASN A 269 0.09 1.09 16.07
C ASN A 269 0.42 2.28 16.97
N GLY A 274 -3.06 3.50 18.65
CA GLY A 274 -4.00 3.61 17.54
C GLY A 274 -3.33 4.01 16.26
N PHE A 275 -4.06 4.72 15.39
CA PHE A 275 -3.44 5.26 14.17
C PHE A 275 -2.60 6.48 14.48
N PRO A 276 -1.69 6.83 13.55
CA PRO A 276 -0.89 8.03 13.76
C PRO A 276 -1.80 9.23 14.02
N PRO A 277 -1.31 10.20 14.80
CA PRO A 277 -2.16 11.34 15.19
C PRO A 277 -2.63 12.19 14.00
N THR A 278 -1.95 12.05 12.87
CA THR A 278 -2.31 12.77 11.66
C THR A 278 -3.48 12.15 10.88
N TRP A 279 -3.89 10.93 11.25
CA TRP A 279 -4.84 10.17 10.44
C TRP A 279 -6.14 10.90 10.26
N HIS A 280 -6.49 11.08 8.98
CA HIS A 280 -7.75 11.72 8.58
C HIS A 280 -7.90 13.10 9.21
N THR A 281 -6.79 13.82 9.28
CA THR A 281 -6.72 15.24 9.68
C THR A 281 -6.04 16.03 8.56
N ILE A 282 -6.11 17.35 8.65
CA ILE A 282 -5.42 18.20 7.66
C ILE A 282 -3.89 18.20 7.86
N HIS A 283 -3.43 17.58 8.94
CA HIS A 283 -1.99 17.51 9.20
C HIS A 283 -1.28 16.31 8.60
N ASP A 284 -1.99 15.50 7.82
CA ASP A 284 -1.36 14.38 7.13
C ASP A 284 -0.62 14.88 5.91
N ASN A 285 0.52 15.51 6.18
CA ASN A 285 1.32 16.18 5.16
C ASN A 285 2.82 15.84 5.34
N ASP A 287 5.28 17.25 6.58
CA ASP A 287 5.97 17.64 7.81
C ASP A 287 6.10 16.45 8.76
N HIS A 288 5.24 15.44 8.61
CA HIS A 288 5.21 14.31 9.52
C HIS A 288 5.74 13.00 8.93
N ILE A 289 6.35 13.12 7.75
CA ILE A 289 6.97 11.98 7.10
C ILE A 289 8.45 11.96 7.46
N ASP A 290 8.93 10.77 7.82
CA ASP A 290 10.34 10.56 8.16
C ASP A 290 10.86 9.47 7.26
N LYS A 291 11.87 9.80 6.47
CA LYS A 291 12.42 8.81 5.55
C LYS A 291 12.96 7.56 6.29
N ASN A 292 13.30 7.66 7.58
CA ASN A 292 13.75 6.51 8.35
C ASN A 292 12.65 5.47 8.57
N THR A 293 11.40 5.91 8.63
CA THR A 293 10.31 4.95 8.72
C THR A 293 10.16 4.22 7.38
N LEU A 294 10.22 4.98 6.30
CA LEU A 294 10.17 4.40 4.97
C LEU A 294 11.29 3.35 4.82
N LYS A 295 12.48 3.66 5.31
CA LYS A 295 13.63 2.79 5.21
C LYS A 295 13.37 1.47 5.96
N ALA A 296 12.88 1.55 7.19
CA ALA A 296 12.66 0.35 7.96
C ALA A 296 11.70 -0.61 7.28
N VAL A 297 10.58 -0.05 6.80
CA VAL A 297 9.55 -0.84 6.15
C VAL A 297 10.05 -1.37 4.80
N GLY A 298 10.63 -0.47 3.99
CA GLY A 298 11.08 -0.84 2.66
C GLY A 298 12.18 -1.87 2.69
N GLN A 299 13.15 -1.71 3.58
CA GLN A 299 14.26 -2.66 3.66
C GLN A 299 13.74 -4.02 4.12
N THR A 300 12.78 -4.04 5.04
CA THR A 300 12.20 -5.30 5.48
C THR A 300 11.50 -6.03 4.33
N VAL A 301 10.72 -5.30 3.53
CA VAL A 301 10.08 -5.90 2.36
C VAL A 301 11.12 -6.49 1.40
N LEU A 302 12.20 -5.73 1.15
CA LEU A 302 13.28 -6.27 0.29
C LEU A 302 13.88 -7.56 0.85
N GLU A 303 14.13 -7.58 2.14
CA GLU A 303 14.67 -8.77 2.79
CA GLU A 303 14.70 -8.80 2.73
C GLU A 303 13.75 -9.97 2.52
N VAL A 304 12.44 -9.75 2.65
CA VAL A 304 11.48 -10.82 2.42
C VAL A 304 11.47 -11.27 0.95
N ILE A 305 11.27 -10.35 0.01
CA ILE A 305 10.99 -10.80 -1.34
C ILE A 305 12.23 -11.39 -2.00
N TYR A 306 13.42 -10.94 -1.62
CA TYR A 306 14.66 -11.43 -2.25
C TYR A 306 15.05 -12.79 -1.71
N ASN A 307 14.59 -13.12 -0.49
CA ASN A 307 14.92 -14.40 0.13
C ASN A 307 13.91 -15.52 -0.10
N GLU A 308 12.81 -15.23 -0.81
CA GLU A 308 11.85 -16.26 -1.22
C GLU A 308 12.43 -17.10 -2.37
N LYS A 309 12.30 -18.43 -2.24
CA LYS A 309 12.82 -19.36 -3.27
C LYS A 309 11.69 -20.09 -3.99
#